data_7XI3
#
_entry.id   7XI3
#
_cell.length_a   72.773
_cell.length_b   72.773
_cell.length_c   415.269
_cell.angle_alpha   90.000
_cell.angle_beta   90.000
_cell.angle_gamma   90.000
#
_symmetry.space_group_name_H-M   'P 43 21 2'
#
loop_
_entity.id
_entity.type
_entity.pdbx_description
1 polymer 'Aryl hydrocarbon receptor nuclear translocator 2'
2 polymer 'Neuronal PAS domain protein 4'
3 polymer "DNA (5'-D(P*GP*GP*AP*GP*GP*TP*CP*GP*TP*GP*AP*GP*TP*GP*AP*T)-3')"
4 polymer "DNA (5'-D(P*CP*CP*AP*TP*CP*AP*CP*TP*CP*AP*CP*GP*AP*CP*CP*T)-3')"
#
loop_
_entity_poly.entity_id
_entity_poly.type
_entity_poly.pdbx_seq_one_letter_code
_entity_poly.pdbx_strand_id
1 'polypeptide(L)'
;MDFDDEDGEGPSKFSRENHSEIERRRRNKMTQYITELSDMVPTCSALARKPDKLTILRMAVSHMKSMRGTGNKSTDGAYK
PSFLTEQELKHLILEAADGFLFVVAAETGRVIYVSDSVTPVLNQPQSEWFGSTLYEQVHPDDVEKLREQLCTSENSMTGR
ILDLKTGTVKKEGQQSSMRMCMGSRRSFICRMRCGNAPLDHLPLNRITTMRKRFRNGLGPVKEGEAQYAVVHCTGYIKAW
PPAGMTIPEEDADVGQGSKYCLVAIGRLQVTSSPVCMDMSGMSVPTEFLSRHNSDGIITFVDPRCISVIGYQPQDLLGKD
ILEFCHPEDQSHLRESFQQVVKLKGQVLSVMYRFRTKNREWLLIRTSSFTFQNPYSDEIEYVTCTNTNVK
;
A
2 'polypeptide(L)'
;MYRSTKGASKARRDQINAEIRNLKELLPLAEADKVRLSYLHIMSLACIYTRKGVFFAGGTPLAGPTGLLSAQELEDIVAA
LPGFLLVFTAEGKLLYLSESVSEHLGHSMVDLVAQGDSIYDIIDPADHLTVRQQLTMPSALDADRLFRCRFNTSKSLRRQ
SSGNKLVLIRGRFHAHPPGAYWAGNPVFTAFCAPLEPRPRPGPGPGPGPGPASLFLAMFQSRHAKDLALLDVSESVLIYL
GFERSELLCKSWYGLLHPEDLAQASSQHYRLLAESGDIQAEMVVRLQAKHGGWTWIYCMLYSEGPEGPITANNYPISDTE
AWSLRQQLNSEDTQAAYVLGTPAVLPSF
;
B
3 'polydeoxyribonucleotide' (DG)(DG)(DA)(DG)(DG)(DT)(DC)(DG)(DT)(DG)(DA)(DG)(DT)(DG)(DA)(DT) C
4 'polydeoxyribonucleotide' (DC)(DC)(DA)(DT)(DC)(DA)(DC)(DT)(DC)(DA)(DC)(DG)(DA)(DC)(DC)(DT) D
#
loop_
_chem_comp.id
_chem_comp.type
_chem_comp.name
_chem_comp.formula
DA DNA linking 2'-DEOXYADENOSINE-5'-MONOPHOSPHATE 'C10 H14 N5 O6 P'
DC DNA linking 2'-DEOXYCYTIDINE-5'-MONOPHOSPHATE 'C9 H14 N3 O7 P'
DG DNA linking 2'-DEOXYGUANOSINE-5'-MONOPHOSPHATE 'C10 H14 N5 O7 P'
DT DNA linking THYMIDINE-5'-MONOPHOSPHATE 'C10 H15 N2 O8 P'
#
# COMPACT_ATOMS: atom_id res chain seq x y z
N SER A 12 -22.06 45.34 -16.54
CA SER A 12 -23.40 44.92 -16.91
C SER A 12 -24.37 45.08 -15.73
N LYS A 13 -24.89 43.95 -15.25
CA LYS A 13 -25.85 43.94 -14.16
C LYS A 13 -25.56 42.90 -13.09
N PHE A 14 -24.51 42.08 -13.26
CA PHE A 14 -24.22 41.00 -12.33
C PHE A 14 -22.80 41.04 -11.80
N SER A 15 -22.08 42.15 -11.99
CA SER A 15 -20.78 42.35 -11.36
C SER A 15 -20.90 42.70 -9.88
N ARG A 16 -22.10 42.64 -9.33
CA ARG A 16 -22.39 42.90 -7.93
C ARG A 16 -23.09 41.74 -7.23
N GLU A 17 -23.99 41.05 -7.93
CA GLU A 17 -24.74 39.95 -7.32
C GLU A 17 -23.96 38.64 -7.33
N ASN A 18 -23.00 38.48 -8.26
CA ASN A 18 -22.06 37.37 -8.14
C ASN A 18 -21.22 37.51 -6.87
N HIS A 19 -20.78 38.74 -6.58
CA HIS A 19 -20.13 39.03 -5.31
C HIS A 19 -21.01 38.62 -4.13
N SER A 20 -22.33 38.80 -4.27
CA SER A 20 -23.24 38.41 -3.21
C SER A 20 -23.12 36.92 -2.89
N GLU A 21 -23.25 36.07 -3.91
CA GLU A 21 -23.17 34.64 -3.65
C GLU A 21 -21.74 34.20 -3.32
N ILE A 22 -20.73 34.97 -3.71
CA ILE A 22 -19.36 34.65 -3.28
C ILE A 22 -19.22 34.82 -1.77
N GLU A 23 -19.65 35.97 -1.25
CA GLU A 23 -19.65 36.15 0.20
C GLU A 23 -20.57 35.13 0.87
N ARG A 24 -21.66 34.75 0.19
CA ARG A 24 -22.53 33.70 0.71
C ARG A 24 -21.77 32.40 0.91
N ARG A 25 -21.07 31.94 -0.12
CA ARG A 25 -20.32 30.69 -0.02
C ARG A 25 -19.23 30.79 1.03
N ARG A 26 -18.66 31.99 1.23
CA ARG A 26 -17.66 32.16 2.28
C ARG A 26 -18.30 31.96 3.66
N ARG A 27 -19.42 32.62 3.91
CA ARG A 27 -20.13 32.45 5.18
C ARG A 27 -20.56 31.00 5.36
N ASN A 28 -20.94 30.31 4.28
CA ASN A 28 -21.35 28.92 4.37
C ASN A 28 -20.17 28.01 4.72
N LYS A 29 -19.02 28.26 4.10
CA LYS A 29 -17.80 27.54 4.45
C LYS A 29 -17.54 27.66 5.94
N MET A 30 -17.60 28.88 6.48
CA MET A 30 -17.25 28.99 7.89
C MET A 30 -18.33 28.46 8.81
N THR A 31 -19.60 28.47 8.38
CA THR A 31 -20.63 27.79 9.16
C THR A 31 -20.37 26.30 9.22
N GLN A 32 -20.05 25.68 8.07
CA GLN A 32 -19.79 24.24 8.06
C GLN A 32 -18.55 23.89 8.86
N TYR A 33 -17.53 24.75 8.84
CA TYR A 33 -16.33 24.49 9.62
C TYR A 33 -16.59 24.63 11.11
N ILE A 34 -17.28 25.70 11.52
CA ILE A 34 -17.60 25.88 12.93
C ILE A 34 -18.57 24.82 13.41
N THR A 35 -19.27 24.13 12.50
CA THR A 35 -20.04 22.96 12.91
C THR A 35 -19.12 21.76 13.09
N GLU A 36 -18.14 21.58 12.19
CA GLU A 36 -17.16 20.51 12.36
C GLU A 36 -16.30 20.71 13.59
N LEU A 37 -16.22 21.95 14.08
CA LEU A 37 -15.67 22.16 15.41
C LEU A 37 -16.71 21.88 16.48
N SER A 38 -17.99 22.01 16.14
CA SER A 38 -19.07 21.77 17.08
C SER A 38 -19.47 20.31 17.15
N ASP A 39 -18.79 19.44 16.40
CA ASP A 39 -18.94 17.99 16.55
C ASP A 39 -17.70 17.31 17.09
N MET A 40 -16.52 17.89 16.93
CA MET A 40 -15.29 17.17 17.21
C MET A 40 -14.45 17.88 18.27
N VAL A 41 -15.07 18.29 19.37
CA VAL A 41 -14.34 18.80 20.52
C VAL A 41 -15.01 18.23 21.78
N PRO A 42 -14.24 17.68 22.72
CA PRO A 42 -14.87 16.93 23.82
C PRO A 42 -15.64 17.80 24.81
N THR A 43 -15.10 18.96 25.19
CA THR A 43 -15.81 19.82 26.12
C THR A 43 -17.16 20.27 25.59
N CYS A 44 -17.44 20.05 24.32
CA CYS A 44 -18.67 20.52 23.68
C CYS A 44 -19.56 19.41 23.15
N SER A 45 -18.99 18.31 22.67
CA SER A 45 -19.76 17.22 22.06
C SER A 45 -20.71 16.56 23.06
N ALA A 46 -20.67 17.00 24.31
CA ALA A 46 -21.46 16.42 25.39
C ALA A 46 -22.74 17.21 25.65
N LEU A 47 -23.34 17.75 24.60
CA LEU A 47 -24.59 18.49 24.71
C LEU A 47 -25.45 18.21 23.49
N ALA A 48 -26.66 18.74 23.51
CA ALA A 48 -27.50 18.86 22.33
C ALA A 48 -27.72 20.31 21.91
N ARG A 49 -27.50 21.26 22.82
CA ARG A 49 -27.61 22.68 22.52
C ARG A 49 -26.25 23.16 21.98
N LYS A 50 -26.15 23.29 20.66
CA LYS A 50 -24.96 23.85 20.05
C LYS A 50 -24.79 25.29 20.53
N PRO A 51 -23.80 25.57 21.37
CA PRO A 51 -23.77 26.85 22.09
C PRO A 51 -23.43 28.05 21.21
N ASP A 52 -23.27 29.20 21.87
CA ASP A 52 -22.79 30.40 21.21
C ASP A 52 -21.56 30.12 20.37
N LYS A 53 -21.55 30.63 19.13
CA LYS A 53 -20.43 30.39 18.22
C LYS A 53 -19.11 30.87 18.83
N LEU A 54 -19.14 32.01 19.51
CA LEU A 54 -17.96 32.47 20.23
C LEU A 54 -17.56 31.48 21.32
N THR A 55 -18.52 30.94 22.05
CA THR A 55 -18.21 29.90 23.02
C THR A 55 -17.76 28.62 22.34
N ILE A 56 -18.24 28.36 21.13
CA ILE A 56 -17.74 27.22 20.36
C ILE A 56 -16.24 27.39 20.10
N LEU A 57 -15.86 28.55 19.55
CA LEU A 57 -14.45 28.84 19.34
C LEU A 57 -13.66 28.85 20.65
N ARG A 58 -14.32 29.18 21.77
CA ARG A 58 -13.62 29.22 23.05
C ARG A 58 -13.33 27.81 23.59
N MET A 59 -14.31 26.92 23.53
CA MET A 59 -14.03 25.51 23.84
C MET A 59 -12.99 24.96 22.86
N ALA A 60 -13.00 25.44 21.62
CA ALA A 60 -11.97 25.04 20.65
C ALA A 60 -10.59 25.46 21.11
N VAL A 61 -10.44 26.71 21.56
CA VAL A 61 -9.12 27.15 22.03
C VAL A 61 -8.76 26.43 23.32
N SER A 62 -9.75 26.04 24.12
CA SER A 62 -9.46 25.19 25.28
C SER A 62 -8.82 23.88 24.85
N HIS A 63 -9.45 23.19 23.89
CA HIS A 63 -8.87 21.94 23.41
C HIS A 63 -7.61 22.15 22.58
N MET A 64 -7.34 23.37 22.14
CA MET A 64 -6.10 23.70 21.47
C MET A 64 -5.07 24.32 22.41
N LYS A 65 -5.36 24.31 23.72
CA LYS A 65 -4.36 24.50 24.75
C LYS A 65 -4.07 23.18 25.46
N SER A 66 -4.39 22.06 24.83
CA SER A 66 -4.32 20.76 25.50
C SER A 66 -2.90 20.21 25.53
N MET A 67 -2.34 19.92 24.36
CA MET A 67 -1.01 19.31 24.25
C MET A 67 -0.05 20.29 23.61
N ARG A 68 1.18 19.82 23.38
CA ARG A 68 2.27 20.65 22.88
C ARG A 68 2.51 20.40 21.40
N GLY A 69 2.86 21.46 20.68
CA GLY A 69 3.21 21.36 19.27
C GLY A 69 2.08 20.91 18.37
N LYS A 80 11.76 26.20 11.95
CA LYS A 80 11.69 25.87 13.37
C LYS A 80 10.65 24.77 13.67
N PRO A 81 9.37 24.97 13.29
CA PRO A 81 8.32 24.03 13.74
C PRO A 81 7.95 22.92 12.79
N SER A 82 7.11 22.01 13.27
CA SER A 82 6.45 20.96 12.50
C SER A 82 5.02 20.84 13.01
N PHE A 83 4.31 19.77 12.64
CA PHE A 83 2.90 19.69 13.00
C PHE A 83 2.65 18.96 14.32
N LEU A 84 3.04 17.70 14.41
CA LEU A 84 2.75 16.90 15.58
C LEU A 84 4.02 16.51 16.32
N THR A 85 3.86 16.04 17.55
CA THR A 85 5.01 15.77 18.38
C THR A 85 5.62 14.42 17.98
N GLU A 86 6.75 14.09 18.61
CA GLU A 86 7.57 12.94 18.21
C GLU A 86 7.07 11.62 18.77
N GLN A 87 5.87 11.56 19.35
CA GLN A 87 5.19 10.30 19.62
C GLN A 87 3.99 10.07 18.72
N GLU A 88 3.51 11.12 18.04
CA GLU A 88 2.46 10.96 17.04
C GLU A 88 3.04 10.37 15.76
N LEU A 89 4.03 11.06 15.17
CA LEU A 89 4.72 10.56 13.99
C LEU A 89 5.20 9.14 14.19
N LYS A 90 5.55 8.77 15.42
CA LYS A 90 6.01 7.42 15.69
C LYS A 90 4.89 6.40 15.48
N HIS A 91 3.77 6.61 16.16
CA HIS A 91 2.61 5.75 15.98
C HIS A 91 2.20 5.69 14.51
N LEU A 92 2.30 6.83 13.82
CA LEU A 92 1.87 6.88 12.43
C LEU A 92 2.80 6.08 11.52
N ILE A 93 4.11 6.31 11.62
CA ILE A 93 5.04 5.57 10.76
C ILE A 93 5.00 4.09 11.09
N LEU A 94 4.73 3.75 12.35
CA LEU A 94 4.64 2.33 12.71
C LEU A 94 3.34 1.70 12.27
N GLU A 95 2.30 2.50 12.00
CA GLU A 95 1.07 1.92 11.49
C GLU A 95 1.04 1.88 9.96
N ALA A 96 1.63 2.89 9.31
CA ALA A 96 1.76 2.86 7.86
C ALA A 96 2.72 1.75 7.44
N ALA A 97 3.94 1.78 7.96
CA ALA A 97 4.85 0.65 7.88
C ALA A 97 4.41 -0.37 8.92
N ASP A 98 3.39 -1.15 8.55
CA ASP A 98 2.88 -2.23 9.38
C ASP A 98 4.02 -3.06 9.96
N GLY A 99 3.86 -3.45 11.22
CA GLY A 99 4.88 -4.22 11.92
C GLY A 99 5.14 -3.64 13.28
N PHE A 100 6.28 -4.01 13.84
CA PHE A 100 6.63 -3.66 15.21
C PHE A 100 7.98 -2.97 15.27
N LEU A 101 8.21 -2.27 16.37
CA LEU A 101 9.48 -1.62 16.65
C LEU A 101 10.12 -2.28 17.85
N PHE A 102 11.39 -2.65 17.71
CA PHE A 102 12.14 -3.27 18.77
C PHE A 102 13.45 -2.52 18.99
N VAL A 103 14.03 -2.73 20.17
CA VAL A 103 15.27 -2.07 20.58
C VAL A 103 16.11 -3.12 21.30
N VAL A 104 17.18 -3.59 20.66
CA VAL A 104 18.02 -4.64 21.22
C VAL A 104 19.40 -4.07 21.53
N ALA A 105 20.06 -4.67 22.52
CA ALA A 105 21.44 -4.30 22.82
C ALA A 105 22.38 -4.91 21.80
N ALA A 106 23.35 -4.11 21.33
CA ALA A 106 24.14 -4.49 20.17
C ALA A 106 24.96 -5.74 20.44
N GLU A 107 25.66 -5.79 21.58
CA GLU A 107 26.62 -6.85 21.83
C GLU A 107 25.96 -8.09 22.40
N THR A 108 25.09 -7.93 23.40
CA THR A 108 24.46 -9.07 24.05
C THR A 108 23.26 -9.61 23.27
N GLY A 109 22.71 -8.81 22.35
CA GLY A 109 21.50 -9.21 21.66
C GLY A 109 20.26 -9.27 22.52
N ARG A 110 20.35 -8.88 23.78
CA ARG A 110 19.20 -8.95 24.69
C ARG A 110 18.18 -7.88 24.34
N VAL A 111 16.91 -8.27 24.39
CA VAL A 111 15.81 -7.39 24.01
C VAL A 111 15.55 -6.42 25.16
N ILE A 112 15.87 -5.14 24.93
CA ILE A 112 15.58 -4.11 25.92
C ILE A 112 14.13 -3.68 25.83
N TYR A 113 13.55 -3.65 24.62
CA TYR A 113 12.23 -3.09 24.45
C TYR A 113 11.57 -3.63 23.19
N VAL A 114 10.24 -3.72 23.22
CA VAL A 114 9.45 -4.12 22.08
C VAL A 114 8.06 -3.50 22.20
N SER A 115 7.47 -3.16 21.06
CA SER A 115 6.12 -2.64 21.03
C SER A 115 5.09 -3.76 21.08
N ASP A 116 3.86 -3.41 21.46
CA ASP A 116 2.80 -4.41 21.55
C ASP A 116 2.42 -4.97 20.17
N SER A 117 2.70 -4.22 19.10
CA SER A 117 2.37 -4.66 17.75
C SER A 117 3.05 -5.96 17.34
N VAL A 118 3.96 -6.48 18.17
CA VAL A 118 4.55 -7.79 17.90
C VAL A 118 3.50 -8.88 18.00
N THR A 119 2.43 -8.64 18.77
CA THR A 119 1.42 -9.69 18.95
C THR A 119 0.57 -9.92 17.71
N PRO A 120 0.05 -8.89 17.03
CA PRO A 120 -0.70 -9.16 15.79
C PRO A 120 0.18 -9.50 14.60
N VAL A 121 1.48 -9.19 14.64
CA VAL A 121 2.39 -9.48 13.54
C VAL A 121 2.97 -10.88 13.65
N LEU A 122 3.44 -11.26 14.84
CA LEU A 122 4.15 -12.53 15.03
C LEU A 122 3.42 -13.51 15.95
N ASN A 123 2.30 -13.10 16.56
CA ASN A 123 1.54 -13.92 17.50
C ASN A 123 2.33 -14.29 18.76
N GLN A 124 3.42 -13.58 19.02
CA GLN A 124 4.03 -13.91 20.31
C GLN A 124 3.61 -12.91 21.37
N PRO A 125 3.29 -13.36 22.58
CA PRO A 125 2.99 -12.42 23.66
C PRO A 125 4.16 -11.49 23.93
N GLN A 126 3.84 -10.24 24.27
CA GLN A 126 4.87 -9.23 24.46
C GLN A 126 5.76 -9.53 25.66
N SER A 127 5.34 -10.42 26.56
CA SER A 127 6.17 -10.77 27.70
C SER A 127 7.27 -11.77 27.36
N GLU A 128 7.11 -12.53 26.27
CA GLU A 128 8.12 -13.49 25.86
C GLU A 128 9.28 -12.86 25.10
N TRP A 129 9.06 -11.67 24.53
CA TRP A 129 10.15 -10.94 23.90
C TRP A 129 10.99 -10.21 24.94
N PHE A 130 10.37 -9.73 26.02
CA PHE A 130 11.09 -8.93 27.00
C PHE A 130 12.08 -9.78 27.76
N GLY A 131 13.35 -9.39 27.72
CA GLY A 131 14.40 -10.09 28.44
C GLY A 131 15.17 -11.09 27.60
N SER A 132 14.48 -11.80 26.72
CA SER A 132 15.13 -12.78 25.86
C SER A 132 16.06 -12.09 24.87
N THR A 133 16.88 -12.88 24.20
CA THR A 133 17.80 -12.40 23.19
C THR A 133 17.18 -12.57 21.80
N LEU A 134 17.46 -11.62 20.91
CA LEU A 134 16.93 -11.71 19.55
C LEU A 134 17.48 -12.92 18.82
N TYR A 135 18.57 -13.51 19.32
CA TYR A 135 19.11 -14.71 18.69
C TYR A 135 18.20 -15.92 18.94
N GLU A 136 17.50 -15.94 20.07
CA GLU A 136 16.56 -17.02 20.34
C GLU A 136 15.34 -16.94 19.43
N GLN A 137 14.94 -15.72 19.05
CA GLN A 137 13.71 -15.50 18.31
C GLN A 137 13.88 -15.62 16.79
N VAL A 138 15.11 -15.84 16.31
CA VAL A 138 15.37 -15.92 14.88
C VAL A 138 15.76 -17.34 14.53
N HIS A 139 15.97 -17.61 13.23
CA HIS A 139 16.30 -18.96 12.77
C HIS A 139 17.81 -19.19 12.88
N PRO A 140 18.24 -20.39 13.29
CA PRO A 140 19.67 -20.61 13.57
C PRO A 140 20.61 -20.30 12.42
N ASP A 141 20.19 -20.57 11.17
CA ASP A 141 21.06 -20.25 10.04
C ASP A 141 21.25 -18.75 9.87
N ASP A 142 20.27 -17.95 10.27
CA ASP A 142 20.35 -16.50 10.18
C ASP A 142 21.02 -15.87 11.38
N VAL A 143 21.48 -16.67 12.35
CA VAL A 143 22.04 -16.11 13.57
C VAL A 143 23.39 -15.44 13.31
N GLU A 144 24.23 -16.08 12.50
CA GLU A 144 25.52 -15.47 12.17
C GLU A 144 25.31 -14.17 11.40
N LYS A 145 24.33 -14.16 10.49
CA LYS A 145 24.02 -12.95 9.74
C LYS A 145 23.51 -11.85 10.67
N LEU A 146 22.67 -12.22 11.65
CA LEU A 146 22.17 -11.25 12.62
C LEU A 146 23.30 -10.68 13.48
N ARG A 147 24.28 -11.52 13.82
CA ARG A 147 25.46 -11.03 14.52
C ARG A 147 26.23 -10.04 13.67
N GLU A 148 26.42 -10.36 12.38
CA GLU A 148 27.17 -9.47 11.49
C GLU A 148 26.61 -8.05 11.49
N GLN A 149 25.30 -7.91 11.63
CA GLN A 149 24.68 -6.59 11.58
C GLN A 149 24.62 -5.91 12.94
N LEU A 150 24.75 -6.66 14.03
CA LEU A 150 24.79 -6.06 15.35
C LEU A 150 26.20 -5.67 15.78
N CYS A 151 27.23 -6.18 15.12
CA CYS A 151 28.60 -5.91 15.51
C CYS A 151 28.95 -4.44 15.30
N THR A 152 29.41 -3.78 16.37
CA THR A 152 29.76 -2.36 16.35
C THR A 152 31.26 -2.22 16.10
N SER A 153 31.64 -2.10 14.84
CA SER A 153 33.02 -1.84 14.45
C SER A 153 33.15 -0.58 13.60
N GLU A 154 32.19 0.35 13.73
CA GLU A 154 32.23 1.64 13.05
C GLU A 154 32.21 1.48 11.53
N ASN A 155 31.35 0.60 11.04
CA ASN A 155 31.18 0.39 9.61
C ASN A 155 30.08 1.26 9.06
N MET A 182 25.25 8.09 8.23
CA MET A 182 24.91 7.27 7.07
C MET A 182 25.18 5.79 7.34
N GLY A 183 26.37 5.48 7.85
CA GLY A 183 26.78 4.12 8.13
C GLY A 183 26.27 3.52 9.42
N SER A 184 25.34 4.20 10.11
CA SER A 184 24.76 3.66 11.33
C SER A 184 23.41 3.00 11.11
N ARG A 185 22.83 3.14 9.92
CA ARG A 185 21.57 2.47 9.62
C ARG A 185 21.83 1.05 9.15
N ARG A 186 21.03 0.12 9.64
CA ARG A 186 21.13 -1.30 9.31
C ARG A 186 19.84 -1.77 8.66
N SER A 187 19.96 -2.70 7.73
CA SER A 187 18.82 -3.26 7.02
C SER A 187 19.10 -4.73 6.74
N PHE A 188 18.21 -5.62 7.18
CA PHE A 188 18.47 -7.04 7.03
C PHE A 188 17.18 -7.84 6.96
N ILE A 189 17.25 -8.95 6.23
CA ILE A 189 16.13 -9.86 6.04
C ILE A 189 16.44 -11.15 6.79
N CYS A 190 15.57 -11.53 7.74
CA CYS A 190 15.80 -12.75 8.51
C CYS A 190 14.48 -13.50 8.64
N ARG A 191 14.52 -14.63 9.34
CA ARG A 191 13.34 -15.45 9.61
C ARG A 191 13.10 -15.41 11.11
N MET A 192 11.96 -14.85 11.51
CA MET A 192 11.65 -14.69 12.92
C MET A 192 10.56 -15.68 13.34
N ARG A 193 10.66 -16.15 14.58
CA ARG A 193 9.80 -17.22 15.07
C ARG A 193 8.39 -16.71 15.32
N CYS A 194 7.41 -17.42 14.76
CA CYS A 194 6.00 -17.09 14.95
C CYS A 194 5.42 -17.86 16.13
N GLY A 195 4.47 -17.23 16.81
CA GLY A 195 3.76 -17.86 17.90
C GLY A 195 2.37 -18.32 17.50
N ASN A 196 1.71 -18.95 18.47
CA ASN A 196 0.31 -19.37 18.32
C ASN A 196 -0.25 -19.80 19.68
N ALA A 226 9.74 -24.85 11.55
CA ALA A 226 8.44 -25.17 12.16
C ALA A 226 7.43 -24.04 11.92
N GLN A 227 7.64 -22.90 12.59
CA GLN A 227 6.77 -21.74 12.45
C GLN A 227 7.67 -20.51 12.39
N TYR A 228 7.99 -20.06 11.18
CA TYR A 228 8.86 -18.91 10.95
C TYR A 228 8.26 -18.03 9.86
N ALA A 229 8.41 -16.71 10.02
CA ALA A 229 7.98 -15.74 9.02
C ALA A 229 9.15 -14.85 8.62
N VAL A 230 9.25 -14.57 7.33
CA VAL A 230 10.33 -13.71 6.83
C VAL A 230 10.03 -12.28 7.23
N VAL A 231 10.96 -11.66 7.95
CA VAL A 231 10.82 -10.29 8.42
C VAL A 231 11.96 -9.45 7.85
N HIS A 232 11.60 -8.31 7.27
CA HIS A 232 12.59 -7.33 6.77
C HIS A 232 12.66 -6.22 7.81
N CYS A 233 13.82 -6.08 8.45
CA CYS A 233 13.99 -5.12 9.52
C CYS A 233 14.90 -3.99 9.06
N THR A 234 14.55 -2.78 9.48
CA THR A 234 15.32 -1.56 9.19
C THR A 234 15.43 -0.76 10.46
N GLY A 235 16.65 -0.41 10.84
CA GLY A 235 16.87 0.36 12.03
C GLY A 235 18.17 1.08 11.99
N TYR A 236 18.63 1.50 13.17
CA TYR A 236 19.91 2.17 13.25
C TYR A 236 20.52 1.94 14.64
N ILE A 237 21.86 2.07 14.69
CA ILE A 237 22.63 1.86 15.91
C ILE A 237 22.80 3.20 16.62
N LYS A 238 22.48 3.21 17.92
CA LYS A 238 22.50 4.43 18.71
C LYS A 238 23.07 4.12 20.08
N ALA A 239 23.82 5.07 20.64
CA ALA A 239 24.29 4.96 22.01
C ALA A 239 23.13 5.24 22.96
N TRP A 240 22.88 4.33 23.90
CA TRP A 240 21.72 4.37 24.78
C TRP A 240 21.67 5.66 25.59
N PRO A 241 20.73 6.58 25.29
CA PRO A 241 20.65 7.91 25.90
C PRO A 241 19.68 8.00 27.06
N GLY A 257 28.40 -4.52 25.44
CA GLY A 257 27.93 -4.29 26.79
C GLY A 257 26.86 -3.22 26.90
N SER A 258 26.10 -3.05 25.81
CA SER A 258 25.01 -2.07 25.69
C SER A 258 25.51 -0.63 25.69
N LYS A 259 26.74 -0.40 25.23
CA LYS A 259 27.14 0.95 24.83
C LYS A 259 26.49 1.36 23.53
N TYR A 260 26.04 0.37 22.73
CA TYR A 260 25.29 0.58 21.52
C TYR A 260 24.05 -0.30 21.53
N CYS A 261 23.01 0.14 20.81
CA CYS A 261 21.80 -0.64 20.67
C CYS A 261 21.18 -0.37 19.31
N LEU A 262 20.56 -1.39 18.74
CA LEU A 262 19.88 -1.27 17.46
C LEU A 262 18.40 -1.02 17.71
N VAL A 263 17.92 0.12 17.22
CA VAL A 263 16.51 0.49 17.27
C VAL A 263 15.95 0.30 15.86
N ALA A 264 14.99 -0.59 15.70
CA ALA A 264 14.60 -1.00 14.36
C ALA A 264 13.10 -1.26 14.30
N ILE A 265 12.62 -1.37 13.08
CA ILE A 265 11.23 -1.70 12.76
C ILE A 265 11.26 -2.96 11.91
N GLY A 266 10.39 -3.91 12.23
CA GLY A 266 10.30 -5.13 11.45
C GLY A 266 9.00 -5.24 10.67
N ARG A 267 9.08 -5.21 9.34
CA ARG A 267 7.91 -5.36 8.49
C ARG A 267 7.78 -6.82 8.04
N LEU A 268 6.54 -7.28 8.00
CA LEU A 268 6.22 -8.60 7.44
C LEU A 268 6.24 -8.49 5.93
N GLN A 269 7.22 -9.14 5.30
CA GLN A 269 7.33 -9.21 3.84
C GLN A 269 6.32 -10.23 3.36
N VAL A 270 5.06 -9.79 3.26
CA VAL A 270 3.92 -10.69 3.12
C VAL A 270 3.96 -11.41 1.79
N THR A 271 3.77 -10.65 0.70
CA THR A 271 3.78 -11.19 -0.66
C THR A 271 3.03 -12.51 -0.79
N SER A 272 1.95 -12.68 -0.02
CA SER A 272 1.13 -13.90 0.02
C SER A 272 1.91 -15.21 -0.17
N PRO A 285 -10.35 -30.81 -4.21
CA PRO A 285 -11.61 -30.71 -4.95
C PRO A 285 -11.65 -31.60 -6.18
N THR A 286 -12.21 -31.10 -7.28
CA THR A 286 -12.50 -31.93 -8.44
C THR A 286 -11.69 -31.62 -9.68
N GLU A 287 -11.02 -30.48 -9.74
CA GLU A 287 -10.26 -30.12 -10.95
C GLU A 287 -8.92 -29.52 -10.57
N PHE A 288 -8.00 -29.54 -11.53
CA PHE A 288 -6.71 -28.88 -11.39
C PHE A 288 -6.20 -28.50 -12.77
N LEU A 289 -5.45 -27.41 -12.82
CA LEU A 289 -4.91 -26.90 -14.08
C LEU A 289 -3.46 -27.34 -14.27
N SER A 290 -3.07 -27.44 -15.53
CA SER A 290 -1.72 -27.82 -15.89
C SER A 290 -1.35 -27.11 -17.18
N ARG A 291 -0.05 -26.84 -17.35
CA ARG A 291 0.46 -26.19 -18.55
C ARG A 291 1.49 -27.10 -19.22
N HIS A 292 1.41 -27.19 -20.54
CA HIS A 292 2.26 -28.06 -21.34
C HIS A 292 2.90 -27.26 -22.47
N ASN A 293 4.03 -27.75 -22.96
CA ASN A 293 4.65 -27.15 -24.12
C ASN A 293 4.03 -27.72 -25.38
N SER A 294 4.62 -27.42 -26.54
CA SER A 294 4.08 -27.89 -27.81
C SER A 294 4.15 -29.42 -27.91
N ASP A 295 5.13 -30.02 -27.25
CA ASP A 295 5.41 -31.46 -27.37
C ASP A 295 4.62 -32.31 -26.39
N GLY A 296 3.89 -31.71 -25.46
CA GLY A 296 3.20 -32.45 -24.43
C GLY A 296 3.97 -32.61 -23.14
N ILE A 297 5.04 -31.84 -22.94
CA ILE A 297 5.83 -31.90 -21.71
C ILE A 297 5.23 -30.94 -20.70
N ILE A 298 4.98 -31.46 -19.50
CA ILE A 298 4.30 -30.67 -18.46
C ILE A 298 5.26 -29.61 -17.93
N THR A 299 4.87 -28.34 -18.08
CA THR A 299 5.69 -27.23 -17.61
C THR A 299 5.20 -26.63 -16.30
N PHE A 300 3.94 -26.83 -15.93
CA PHE A 300 3.44 -26.34 -14.66
C PHE A 300 2.20 -27.13 -14.27
N VAL A 301 2.03 -27.31 -12.96
CA VAL A 301 0.88 -28.01 -12.43
C VAL A 301 0.32 -27.23 -11.25
N ASP A 302 -0.99 -27.06 -11.22
CA ASP A 302 -1.61 -26.49 -10.05
C ASP A 302 -1.50 -27.48 -8.89
N PRO A 303 -1.10 -27.04 -7.69
CA PRO A 303 -0.96 -27.97 -6.57
C PRO A 303 -2.26 -28.61 -6.12
N ARG A 304 -3.35 -28.33 -6.85
CA ARG A 304 -4.60 -29.07 -6.66
C ARG A 304 -4.50 -30.51 -7.16
N CYS A 305 -3.39 -30.87 -7.80
CA CYS A 305 -3.18 -32.24 -8.25
C CYS A 305 -3.00 -33.21 -7.09
N ILE A 306 -2.44 -32.75 -5.98
CA ILE A 306 -2.25 -33.60 -4.81
C ILE A 306 -3.58 -34.25 -4.40
N SER A 307 -4.68 -33.50 -4.52
CA SER A 307 -5.98 -33.97 -4.06
C SER A 307 -6.73 -34.77 -5.11
N VAL A 308 -6.54 -34.48 -6.39
CA VAL A 308 -7.33 -35.15 -7.43
C VAL A 308 -6.65 -36.42 -7.92
N ILE A 309 -5.32 -36.43 -8.04
CA ILE A 309 -4.60 -37.60 -8.53
C ILE A 309 -3.48 -38.04 -7.60
N GLY A 310 -3.27 -37.36 -6.48
CA GLY A 310 -2.32 -37.80 -5.48
C GLY A 310 -0.87 -37.45 -5.73
N TYR A 311 -0.52 -36.98 -6.92
CA TYR A 311 0.86 -36.62 -7.21
C TYR A 311 1.14 -35.21 -6.73
N GLN A 312 2.41 -34.96 -6.37
CA GLN A 312 2.89 -33.62 -6.11
C GLN A 312 3.26 -32.93 -7.42
N PRO A 313 3.30 -31.60 -7.43
CA PRO A 313 3.67 -30.89 -8.67
C PRO A 313 4.98 -31.36 -9.30
N GLN A 314 6.07 -31.36 -8.53
CA GLN A 314 7.37 -31.80 -9.06
C GLN A 314 7.39 -33.27 -9.47
N ASP A 315 6.41 -34.08 -9.05
CA ASP A 315 6.32 -35.46 -9.52
C ASP A 315 5.93 -35.53 -11.00
N LEU A 316 5.38 -34.46 -11.55
CA LEU A 316 4.89 -34.45 -12.93
C LEU A 316 5.63 -33.48 -13.83
N LEU A 317 6.40 -32.55 -13.27
CA LEU A 317 7.09 -31.55 -14.07
C LEU A 317 8.18 -32.21 -14.92
N GLY A 318 8.15 -31.93 -16.22
CA GLY A 318 9.19 -32.40 -17.13
C GLY A 318 8.94 -33.74 -17.79
N LYS A 319 7.79 -34.37 -17.54
CA LYS A 319 7.45 -35.63 -18.16
C LYS A 319 6.35 -35.43 -19.19
N ASP A 320 6.31 -36.34 -20.17
CA ASP A 320 5.23 -36.32 -21.13
C ASP A 320 3.91 -36.66 -20.45
N ILE A 321 2.84 -35.99 -20.89
CA ILE A 321 1.51 -36.27 -20.34
C ILE A 321 1.05 -37.67 -20.71
N LEU A 322 1.62 -38.26 -21.76
CA LEU A 322 1.20 -39.57 -22.22
C LEU A 322 1.74 -40.71 -21.36
N GLU A 323 2.82 -40.46 -20.60
CA GLU A 323 3.30 -41.48 -19.67
C GLU A 323 2.35 -41.73 -18.52
N PHE A 324 1.31 -40.89 -18.36
CA PHE A 324 0.27 -41.10 -17.37
C PHE A 324 -1.07 -41.43 -17.99
N CYS A 325 -1.14 -41.57 -19.31
CA CYS A 325 -2.35 -41.98 -20.00
C CYS A 325 -2.39 -43.50 -20.14
N HIS A 326 -3.59 -44.04 -20.43
CA HIS A 326 -3.80 -45.48 -20.47
C HIS A 326 -3.61 -46.02 -21.88
N PRO A 327 -2.78 -47.07 -22.05
CA PRO A 327 -2.25 -47.44 -23.38
C PRO A 327 -3.21 -47.36 -24.57
N GLU A 328 -4.47 -47.77 -24.38
CA GLU A 328 -5.44 -47.71 -25.46
C GLU A 328 -5.85 -46.28 -25.80
N ASP A 329 -5.58 -45.32 -24.92
CA ASP A 329 -6.01 -43.94 -25.12
C ASP A 329 -4.87 -43.00 -25.52
N GLN A 330 -3.63 -43.50 -25.60
CA GLN A 330 -2.50 -42.67 -26.03
C GLN A 330 -2.75 -41.99 -27.37
N SER A 331 -3.09 -42.78 -28.40
CA SER A 331 -3.31 -42.22 -29.72
C SER A 331 -4.36 -41.11 -29.69
N HIS A 332 -5.46 -41.34 -28.96
CA HIS A 332 -6.54 -40.36 -28.93
C HIS A 332 -6.06 -39.05 -28.31
N LEU A 333 -5.30 -39.13 -27.21
CA LEU A 333 -4.79 -37.93 -26.55
C LEU A 333 -3.75 -37.20 -27.40
N ARG A 334 -2.86 -37.96 -28.05
CA ARG A 334 -1.86 -37.36 -28.91
C ARG A 334 -2.51 -36.62 -30.08
N GLU A 335 -3.53 -37.23 -30.70
CA GLU A 335 -4.24 -36.55 -31.78
C GLU A 335 -4.96 -35.31 -31.27
N SER A 336 -5.54 -35.38 -30.06
CA SER A 336 -6.23 -34.22 -29.51
C SER A 336 -5.27 -33.06 -29.25
N PHE A 337 -4.10 -33.37 -28.69
CA PHE A 337 -3.06 -32.35 -28.52
C PHE A 337 -2.68 -31.74 -29.87
N GLN A 338 -2.43 -32.61 -30.87
CA GLN A 338 -2.02 -32.12 -32.18
C GLN A 338 -3.08 -31.22 -32.80
N GLN A 339 -4.36 -31.53 -32.58
CA GLN A 339 -5.41 -30.66 -33.10
C GLN A 339 -5.50 -29.35 -32.33
N VAL A 340 -5.43 -29.41 -30.99
CA VAL A 340 -5.40 -28.20 -30.18
C VAL A 340 -4.33 -27.24 -30.67
N VAL A 341 -3.15 -27.77 -31.01
CA VAL A 341 -2.08 -26.90 -31.52
C VAL A 341 -2.53 -26.17 -32.78
N LYS A 342 -3.35 -26.83 -33.61
CA LYS A 342 -3.83 -26.22 -34.84
C LYS A 342 -5.07 -25.34 -34.64
N LEU A 343 -5.76 -25.46 -33.51
CA LEU A 343 -7.03 -24.76 -33.31
C LEU A 343 -6.85 -23.34 -32.79
N LYS A 344 -5.61 -22.87 -32.64
CA LYS A 344 -5.26 -21.46 -32.43
C LYS A 344 -6.21 -20.77 -31.46
N GLY A 345 -6.35 -21.35 -30.27
CA GLY A 345 -7.09 -20.74 -29.18
C GLY A 345 -8.44 -21.36 -28.89
N GLN A 346 -9.00 -22.12 -29.82
CA GLN A 346 -10.24 -22.84 -29.55
C GLN A 346 -10.04 -23.84 -28.42
N VAL A 347 -11.12 -24.17 -27.72
CA VAL A 347 -11.09 -25.09 -26.60
C VAL A 347 -11.54 -26.46 -27.08
N LEU A 348 -10.66 -27.45 -26.95
CA LEU A 348 -10.98 -28.84 -27.23
C LEU A 348 -11.17 -29.59 -25.92
N SER A 349 -11.87 -30.71 -26.00
CA SER A 349 -12.17 -31.52 -24.82
C SER A 349 -12.01 -32.99 -25.16
N VAL A 350 -11.26 -33.72 -24.32
CA VAL A 350 -10.99 -35.13 -24.51
C VAL A 350 -11.14 -35.84 -23.17
N MET A 351 -11.53 -37.11 -23.22
CA MET A 351 -11.70 -37.94 -22.03
C MET A 351 -10.74 -39.12 -22.11
N TYR A 352 -10.10 -39.43 -21.00
CA TYR A 352 -9.14 -40.53 -20.96
C TYR A 352 -8.95 -40.99 -19.52
N ARG A 353 -8.23 -42.10 -19.38
CA ARG A 353 -7.98 -42.74 -18.10
C ARG A 353 -6.57 -42.39 -17.64
N PHE A 354 -6.46 -41.77 -16.47
CA PHE A 354 -5.20 -41.25 -15.95
C PHE A 354 -4.72 -42.14 -14.81
N ARG A 355 -3.40 -42.29 -14.70
CA ARG A 355 -2.78 -43.20 -13.74
C ARG A 355 -2.45 -42.44 -12.47
N THR A 356 -3.18 -42.72 -11.40
CA THR A 356 -3.02 -42.03 -10.13
C THR A 356 -1.73 -42.46 -9.44
N LYS A 357 -1.45 -41.88 -8.27
CA LYS A 357 -0.23 -42.20 -7.56
C LYS A 357 -0.34 -43.55 -6.84
N ASN A 358 -1.54 -43.93 -6.44
CA ASN A 358 -1.81 -45.28 -5.94
C ASN A 358 -2.03 -46.29 -7.06
N ARG A 359 -1.71 -45.91 -8.31
CA ARG A 359 -1.69 -46.79 -9.48
C ARG A 359 -3.10 -47.19 -9.92
N GLU A 360 -4.12 -46.44 -9.50
CA GLU A 360 -5.48 -46.60 -9.98
C GLU A 360 -5.69 -45.78 -11.25
N TRP A 361 -6.78 -46.08 -11.95
CA TRP A 361 -7.09 -45.42 -13.21
C TRP A 361 -8.33 -44.55 -13.04
N LEU A 362 -8.12 -43.24 -13.06
CA LEU A 362 -9.18 -42.26 -12.88
C LEU A 362 -9.60 -41.70 -14.24
N LEU A 363 -10.91 -41.59 -14.45
CA LEU A 363 -11.42 -40.95 -15.66
C LEU A 363 -11.35 -39.44 -15.48
N ILE A 364 -10.67 -38.77 -16.42
CA ILE A 364 -10.41 -37.33 -16.34
C ILE A 364 -10.85 -36.68 -17.65
N ARG A 365 -11.62 -35.60 -17.54
CA ARG A 365 -12.01 -34.79 -18.69
C ARG A 365 -11.08 -33.58 -18.76
N THR A 366 -10.28 -33.51 -19.81
CA THR A 366 -9.31 -32.43 -20.00
C THR A 366 -9.83 -31.48 -21.07
N SER A 367 -9.96 -30.21 -20.71
CA SER A 367 -10.25 -29.14 -21.65
C SER A 367 -8.99 -28.32 -21.85
N SER A 368 -8.61 -28.11 -23.11
CA SER A 368 -7.33 -27.51 -23.43
C SER A 368 -7.47 -26.50 -24.56
N PHE A 369 -6.59 -25.50 -24.55
CA PHE A 369 -6.46 -24.52 -25.62
C PHE A 369 -5.05 -23.93 -25.55
N THR A 370 -4.52 -23.56 -26.70
CA THR A 370 -3.23 -22.91 -26.73
C THR A 370 -3.36 -21.46 -26.27
N PHE A 371 -2.33 -20.97 -25.61
CA PHE A 371 -2.15 -19.54 -25.43
C PHE A 371 -1.06 -19.05 -26.37
N GLN A 372 -1.39 -18.07 -27.20
CA GLN A 372 -0.45 -17.48 -28.14
C GLN A 372 -0.10 -16.07 -27.69
N ASN A 373 1.14 -15.65 -27.94
CA ASN A 373 1.60 -14.34 -27.50
C ASN A 373 1.14 -13.28 -28.49
N PRO A 374 0.61 -12.14 -28.03
CA PRO A 374 -0.03 -11.18 -28.94
C PRO A 374 0.85 -10.64 -30.05
N TYR A 375 2.17 -10.83 -29.99
CA TYR A 375 3.02 -10.32 -31.06
C TYR A 375 3.68 -11.41 -31.88
N SER A 376 4.21 -12.46 -31.26
CA SER A 376 4.95 -13.47 -32.00
C SER A 376 4.08 -14.60 -32.52
N ASP A 377 2.90 -14.81 -31.92
CA ASP A 377 1.99 -15.91 -32.24
C ASP A 377 2.60 -17.28 -31.94
N GLU A 378 3.64 -17.34 -31.13
CA GLU A 378 4.23 -18.61 -30.77
C GLU A 378 3.51 -19.19 -29.55
N ILE A 379 3.51 -20.51 -29.45
CA ILE A 379 2.77 -21.21 -28.41
C ILE A 379 3.57 -21.10 -27.11
N GLU A 380 3.20 -20.15 -26.24
CA GLU A 380 3.83 -20.08 -24.93
C GLU A 380 3.54 -21.34 -24.12
N TYR A 381 2.29 -21.81 -24.11
CA TYR A 381 1.99 -23.11 -23.54
C TYR A 381 0.57 -23.51 -23.90
N VAL A 382 0.26 -24.78 -23.65
CA VAL A 382 -1.08 -25.34 -23.79
C VAL A 382 -1.68 -25.43 -22.40
N THR A 383 -2.74 -24.67 -22.15
CA THR A 383 -3.40 -24.65 -20.85
C THR A 383 -4.44 -25.77 -20.80
N CYS A 384 -4.35 -26.62 -19.78
CA CYS A 384 -5.22 -27.77 -19.64
C CYS A 384 -5.94 -27.71 -18.30
N THR A 385 -7.27 -27.66 -18.35
CA THR A 385 -8.10 -27.81 -17.16
C THR A 385 -8.57 -29.26 -17.08
N ASN A 386 -8.10 -29.99 -16.06
CA ASN A 386 -8.37 -31.41 -15.93
C ASN A 386 -9.43 -31.61 -14.85
N THR A 387 -10.57 -32.20 -15.22
CA THR A 387 -11.70 -32.39 -14.32
C THR A 387 -11.94 -33.87 -14.10
N ASN A 388 -11.91 -34.31 -12.84
CA ASN A 388 -12.27 -35.67 -12.48
C ASN A 388 -13.78 -35.84 -12.67
N VAL A 389 -14.18 -36.72 -13.57
CA VAL A 389 -15.59 -36.92 -13.89
C VAL A 389 -16.14 -38.23 -13.35
N LYS A 390 -15.34 -39.30 -13.30
CA LYS A 390 -15.81 -40.58 -12.76
C LYS A 390 -14.69 -41.31 -12.02
N ARG B 3 -32.29 49.95 17.90
CA ARG B 3 -31.73 51.30 17.93
C ARG B 3 -30.46 51.40 17.07
N SER B 4 -29.33 51.03 17.66
CA SER B 4 -28.01 51.18 17.02
C SER B 4 -27.29 49.83 17.04
N THR B 5 -27.30 49.13 15.91
CA THR B 5 -26.69 47.81 15.86
C THR B 5 -25.19 47.87 15.61
N LYS B 6 -24.71 48.91 14.94
CA LYS B 6 -23.27 49.12 14.84
C LYS B 6 -22.69 49.45 16.21
N GLY B 7 -21.43 49.06 16.41
CA GLY B 7 -20.74 49.25 17.68
C GLY B 7 -21.18 48.25 18.73
N ALA B 8 -22.33 47.64 18.50
CA ALA B 8 -22.85 46.52 19.26
C ALA B 8 -22.61 45.20 18.52
N SER B 9 -23.07 45.10 17.28
CA SER B 9 -22.80 43.91 16.48
C SER B 9 -21.34 43.83 16.05
N LYS B 10 -20.59 44.93 16.16
CA LYS B 10 -19.17 44.90 15.82
C LYS B 10 -18.40 44.05 16.82
N ALA B 11 -18.67 44.23 18.11
CA ALA B 11 -17.92 43.50 19.13
C ALA B 11 -18.00 42.00 18.92
N ARG B 12 -19.15 41.51 18.47
CA ARG B 12 -19.28 40.09 18.16
C ARG B 12 -18.27 39.66 17.11
N ARG B 13 -18.22 40.39 16.00
CA ARG B 13 -17.32 40.00 14.91
C ARG B 13 -15.86 40.11 15.36
N ASP B 14 -15.50 41.20 16.03
CA ASP B 14 -14.12 41.39 16.46
C ASP B 14 -13.76 40.53 17.67
N GLN B 15 -14.72 39.81 18.24
CA GLN B 15 -14.45 38.82 19.28
C GLN B 15 -14.22 37.43 18.68
N ILE B 16 -15.08 37.03 17.74
CA ILE B 16 -14.83 35.75 17.07
C ILE B 16 -13.58 35.84 16.22
N ASN B 17 -13.32 37.00 15.61
CA ASN B 17 -12.12 37.22 14.82
C ASN B 17 -10.93 37.63 15.69
N ALA B 18 -11.10 37.59 17.01
CA ALA B 18 -9.97 37.58 17.94
C ALA B 18 -9.69 36.19 18.48
N GLU B 19 -10.72 35.37 18.62
CA GLU B 19 -10.48 33.97 18.96
C GLU B 19 -9.86 33.21 17.80
N ILE B 20 -10.28 33.51 16.57
CA ILE B 20 -9.62 32.96 15.39
C ILE B 20 -8.14 33.32 15.39
N ARG B 21 -7.84 34.57 15.74
CA ARG B 21 -6.46 35.04 15.76
C ARG B 21 -5.67 34.41 16.91
N ASN B 22 -6.30 34.19 18.06
CA ASN B 22 -5.65 33.46 19.13
C ASN B 22 -5.50 31.98 18.82
N LEU B 23 -6.23 31.47 17.83
CA LEU B 23 -5.96 30.13 17.32
C LEU B 23 -4.75 30.12 16.39
N LYS B 24 -4.71 31.06 15.44
CA LYS B 24 -3.65 31.05 14.42
C LYS B 24 -2.26 31.28 15.04
N GLU B 25 -2.18 32.04 16.13
CA GLU B 25 -0.91 32.18 16.82
C GLU B 25 -0.57 30.95 17.65
N LEU B 26 -1.51 30.00 17.78
CA LEU B 26 -1.23 28.72 18.40
C LEU B 26 -1.02 27.60 17.39
N LEU B 27 -1.51 27.77 16.16
CA LEU B 27 -1.41 26.73 15.15
C LEU B 27 0.04 26.34 14.91
N PRO B 28 0.38 25.04 14.94
CA PRO B 28 1.79 24.63 14.78
C PRO B 28 2.32 24.85 13.37
N LEU B 29 2.56 26.10 13.01
CA LEU B 29 3.15 26.47 11.73
C LEU B 29 4.26 27.47 11.96
N ALA B 30 4.89 27.91 10.87
CA ALA B 30 5.94 28.91 10.94
C ALA B 30 5.38 30.28 10.61
N GLU B 31 5.87 31.30 11.30
CA GLU B 31 5.35 32.65 11.09
C GLU B 31 5.91 33.30 9.83
N ALA B 32 6.61 32.55 8.98
CA ALA B 32 6.85 33.03 7.63
C ALA B 32 5.59 32.92 6.78
N ASP B 33 4.73 31.94 7.09
CA ASP B 33 3.44 31.79 6.44
C ASP B 33 2.26 32.00 7.36
N LYS B 34 2.47 32.06 8.68
CA LYS B 34 1.39 32.34 9.61
C LYS B 34 0.81 33.73 9.46
N VAL B 35 1.32 34.54 8.53
CA VAL B 35 0.83 35.88 8.33
C VAL B 35 0.00 36.01 7.05
N ARG B 36 0.26 35.19 6.03
CA ARG B 36 -0.53 35.18 4.81
C ARG B 36 -1.68 34.20 4.86
N LEU B 37 -2.11 33.82 6.06
CA LEU B 37 -3.16 32.82 6.24
C LEU B 37 -4.50 33.54 6.39
N SER B 38 -5.38 33.35 5.42
CA SER B 38 -6.73 33.91 5.52
C SER B 38 -7.42 33.41 6.78
N TYR B 39 -8.37 34.19 7.28
CA TYR B 39 -9.23 33.69 8.36
C TYR B 39 -9.93 32.42 7.94
N LEU B 40 -10.22 32.28 6.65
CA LEU B 40 -10.84 31.06 6.17
C LEU B 40 -9.88 29.88 6.29
N HIS B 41 -8.58 30.09 6.04
CA HIS B 41 -7.62 29.01 6.27
C HIS B 41 -7.60 28.62 7.73
N ILE B 42 -7.42 29.60 8.62
CA ILE B 42 -7.36 29.31 10.05
C ILE B 42 -8.58 28.50 10.48
N MET B 43 -9.76 28.88 10.00
CA MET B 43 -10.95 28.13 10.36
C MET B 43 -11.20 26.93 9.45
N SER B 44 -10.26 26.63 8.55
CA SER B 44 -10.31 25.41 7.76
C SER B 44 -9.04 24.57 7.93
N LEU B 45 -8.11 25.03 8.76
CA LEU B 45 -6.81 24.36 8.89
C LEU B 45 -6.58 24.02 10.36
N ALA B 46 -7.19 24.80 11.26
CA ALA B 46 -7.11 24.45 12.67
C ALA B 46 -8.06 23.33 13.04
N CYS B 47 -9.08 23.07 12.22
CA CYS B 47 -9.93 21.90 12.45
C CYS B 47 -9.12 20.61 12.32
N ILE B 48 -8.19 20.58 11.37
CA ILE B 48 -7.36 19.40 11.18
C ILE B 48 -6.49 19.18 12.41
N TYR B 49 -5.87 20.24 12.92
CA TYR B 49 -5.07 20.12 14.14
C TYR B 49 -5.93 19.67 15.32
N THR B 50 -7.12 20.24 15.47
CA THR B 50 -7.97 19.88 16.60
C THR B 50 -8.40 18.42 16.52
N ARG B 51 -8.66 17.93 15.31
CA ARG B 51 -9.00 16.52 15.17
C ARG B 51 -7.81 15.63 15.50
N LYS B 52 -6.62 16.01 15.06
CA LYS B 52 -5.42 15.29 15.48
C LYS B 52 -5.35 15.20 16.99
N GLY B 53 -5.55 16.35 17.66
CA GLY B 53 -5.47 16.36 19.11
C GLY B 53 -6.48 15.44 19.77
N VAL B 54 -7.74 15.50 19.32
CA VAL B 54 -8.77 14.71 19.99
C VAL B 54 -8.64 13.23 19.68
N PHE B 55 -8.16 12.88 18.48
CA PHE B 55 -7.97 11.47 18.15
C PHE B 55 -6.81 10.89 18.95
N PHE B 56 -5.70 11.62 19.06
CA PHE B 56 -4.51 11.05 19.68
C PHE B 56 -4.60 11.08 21.20
N ALA B 57 -4.98 12.22 21.78
CA ALA B 57 -5.07 12.30 23.24
C ALA B 57 -6.10 11.34 23.82
N GLY B 58 -6.97 10.76 23.00
CA GLY B 58 -8.01 9.87 23.47
C GLY B 58 -7.80 8.40 23.11
N GLY B 59 -6.57 7.92 23.20
CA GLY B 59 -6.29 6.52 22.94
C GLY B 59 -5.29 5.97 23.94
N THR B 60 -5.29 4.64 24.05
CA THR B 60 -4.33 3.97 24.91
C THR B 60 -2.90 4.27 24.44
N PRO B 61 -1.95 4.37 25.38
CA PRO B 61 -0.57 4.70 24.99
C PRO B 61 0.10 3.59 24.19
N LEU B 62 -0.53 3.18 23.08
CA LEU B 62 0.01 2.16 22.18
C LEU B 62 1.24 2.64 21.42
N ALA B 63 1.69 3.88 21.64
CA ALA B 63 2.91 4.38 21.03
C ALA B 63 4.04 3.39 21.20
N GLY B 64 4.63 2.98 20.08
CA GLY B 64 5.56 1.87 20.08
C GLY B 64 6.67 1.97 21.09
N PRO B 65 7.63 2.87 20.86
CA PRO B 65 8.67 3.12 21.86
C PRO B 65 8.35 4.29 22.77
N THR B 66 9.24 4.55 23.75
CA THR B 66 9.02 5.62 24.72
C THR B 66 10.07 6.72 24.64
N GLY B 67 11.35 6.38 24.80
CA GLY B 67 12.39 7.40 24.83
C GLY B 67 13.60 7.08 23.99
N LEU B 68 13.38 6.52 22.80
CA LEU B 68 14.46 6.04 21.94
C LEU B 68 14.83 7.02 20.84
N LEU B 69 13.86 7.35 19.97
CA LEU B 69 14.11 8.27 18.84
C LEU B 69 13.75 9.69 19.25
N SER B 70 14.47 10.20 20.25
CA SER B 70 13.96 11.29 21.07
C SER B 70 14.74 12.60 20.94
N ALA B 71 15.51 12.81 19.86
CA ALA B 71 16.06 14.14 19.62
C ALA B 71 15.58 14.75 18.31
N GLN B 72 15.98 14.19 17.16
CA GLN B 72 15.40 14.63 15.89
C GLN B 72 15.31 13.51 14.87
N GLU B 73 15.69 12.28 15.21
CA GLU B 73 15.76 11.22 14.22
C GLU B 73 14.39 10.89 13.65
N LEU B 74 13.33 10.99 14.48
CA LEU B 74 11.99 10.81 13.95
C LEU B 74 11.61 11.94 13.01
N GLU B 75 12.11 13.16 13.26
CA GLU B 75 11.89 14.30 12.38
C GLU B 75 12.89 14.34 11.24
N ASP B 76 13.73 13.33 11.11
CA ASP B 76 14.70 13.24 10.03
C ASP B 76 14.45 12.08 9.08
N ILE B 77 13.96 10.95 9.59
CA ILE B 77 13.62 9.83 8.72
C ILE B 77 12.43 10.20 7.84
N VAL B 78 11.53 11.05 8.33
CA VAL B 78 10.37 11.46 7.54
C VAL B 78 10.79 12.12 6.24
N ALA B 79 11.92 12.83 6.25
CA ALA B 79 12.42 13.48 5.04
C ALA B 79 12.93 12.45 4.03
N ALA B 80 13.51 11.35 4.51
CA ALA B 80 14.11 10.34 3.65
C ALA B 80 13.11 9.31 3.15
N LEU B 81 11.89 9.29 3.67
CA LEU B 81 10.90 8.35 3.18
C LEU B 81 10.42 8.75 1.80
N PRO B 82 10.23 7.78 0.87
CA PRO B 82 9.84 8.04 -0.52
C PRO B 82 8.33 8.31 -0.70
N GLY B 83 7.77 9.12 0.17
CA GLY B 83 6.37 9.48 0.07
C GLY B 83 6.02 10.51 1.12
N PHE B 84 4.72 10.60 1.41
CA PHE B 84 4.21 11.52 2.42
C PHE B 84 3.11 10.84 3.22
N LEU B 85 3.12 11.06 4.52
CA LEU B 85 2.07 10.51 5.38
C LEU B 85 0.76 11.26 5.17
N LEU B 86 -0.34 10.52 5.24
CA LEU B 86 -1.66 11.11 5.06
C LEU B 86 -2.64 10.36 5.94
N VAL B 87 -3.35 11.08 6.80
CA VAL B 87 -4.27 10.49 7.77
C VAL B 87 -5.59 11.23 7.67
N PHE B 88 -6.69 10.49 7.58
CA PHE B 88 -7.99 11.12 7.43
C PHE B 88 -9.08 10.18 7.95
N THR B 89 -10.29 10.71 8.01
CA THR B 89 -11.48 9.94 8.37
C THR B 89 -12.13 9.34 7.14
N ALA B 90 -13.00 8.36 7.36
CA ALA B 90 -13.64 7.65 6.26
C ALA B 90 -14.53 8.56 5.43
N GLU B 91 -15.04 9.64 6.00
CA GLU B 91 -15.81 10.61 5.23
C GLU B 91 -14.94 11.57 4.44
N GLY B 92 -13.62 11.52 4.63
CA GLY B 92 -12.70 12.31 3.84
C GLY B 92 -12.03 13.45 4.55
N LYS B 93 -12.32 13.67 5.83
CA LYS B 93 -11.74 14.80 6.55
C LYS B 93 -10.36 14.41 7.09
N LEU B 94 -9.39 15.28 6.84
CA LEU B 94 -8.00 14.98 7.15
C LEU B 94 -7.72 15.13 8.64
N LEU B 95 -6.66 14.45 9.08
CA LEU B 95 -6.15 14.60 10.44
C LEU B 95 -4.68 14.97 10.50
N TYR B 96 -3.91 14.68 9.45
CA TYR B 96 -2.48 14.96 9.45
C TYR B 96 -1.94 14.80 8.04
N LEU B 97 -1.03 15.69 7.68
CA LEU B 97 -0.33 15.64 6.39
C LEU B 97 1.07 16.15 6.65
N SER B 98 2.05 15.24 6.70
CA SER B 98 3.41 15.62 7.01
C SER B 98 3.93 16.67 6.02
N GLU B 99 4.84 17.50 6.51
CA GLU B 99 5.54 18.53 5.74
C GLU B 99 6.02 18.00 4.39
N SER B 100 6.45 16.73 4.39
CA SER B 100 7.13 16.13 3.24
C SER B 100 6.39 16.31 1.92
N VAL B 101 5.07 16.58 1.97
CA VAL B 101 4.30 16.73 0.74
C VAL B 101 4.90 17.81 -0.16
N SER B 102 5.62 18.77 0.44
CA SER B 102 6.23 19.84 -0.34
C SER B 102 7.19 19.30 -1.40
N GLU B 103 7.82 18.16 -1.15
CA GLU B 103 8.73 17.59 -2.14
C GLU B 103 7.98 16.88 -3.26
N HIS B 104 6.82 16.29 -2.96
CA HIS B 104 6.23 15.31 -3.85
C HIS B 104 5.13 15.88 -4.73
N LEU B 105 4.32 16.79 -4.22
CA LEU B 105 3.36 17.51 -5.04
C LEU B 105 3.82 18.92 -5.38
N GLY B 106 4.86 19.43 -4.72
CA GLY B 106 5.32 20.79 -4.92
C GLY B 106 4.50 21.84 -4.23
N HIS B 107 3.59 21.45 -3.34
CA HIS B 107 2.74 22.40 -2.63
C HIS B 107 2.82 22.09 -1.14
N SER B 108 2.86 23.15 -0.33
CA SER B 108 2.97 22.98 1.12
C SER B 108 1.67 22.53 1.74
N MET B 109 1.78 21.95 2.94
CA MET B 109 0.60 21.67 3.74
C MET B 109 -0.23 22.93 3.97
N VAL B 110 0.45 24.04 4.27
CA VAL B 110 -0.19 25.35 4.40
C VAL B 110 -0.85 25.80 3.11
N ASP B 111 -0.59 25.10 2.01
CA ASP B 111 -1.00 25.52 0.67
C ASP B 111 -2.14 24.67 0.11
N LEU B 112 -2.10 23.36 0.34
CA LEU B 112 -3.12 22.47 -0.22
C LEU B 112 -4.42 22.58 0.56
N VAL B 113 -4.36 22.31 1.87
CA VAL B 113 -5.55 22.27 2.70
C VAL B 113 -6.09 23.64 3.04
N ALA B 114 -5.44 24.71 2.57
CA ALA B 114 -5.90 26.05 2.90
C ALA B 114 -7.24 26.38 2.23
N GLN B 115 -7.63 25.66 1.18
CA GLN B 115 -8.92 25.91 0.56
C GLN B 115 -10.04 25.10 1.18
N GLY B 116 -9.74 23.92 1.71
CA GLY B 116 -10.80 23.07 2.24
C GLY B 116 -10.30 22.12 3.30
N ASP B 117 -11.24 21.34 3.84
CA ASP B 117 -10.98 20.48 4.98
C ASP B 117 -10.62 19.06 4.59
N SER B 118 -11.02 18.60 3.41
CA SER B 118 -11.12 17.18 3.14
C SER B 118 -10.14 16.72 2.07
N ILE B 119 -9.94 15.40 2.03
CA ILE B 119 -9.07 14.77 1.04
C ILE B 119 -9.52 15.12 -0.37
N TYR B 120 -10.82 15.38 -0.55
CA TYR B 120 -11.35 15.68 -1.87
C TYR B 120 -11.06 17.10 -2.31
N ASP B 121 -10.31 17.88 -1.52
CA ASP B 121 -9.83 19.20 -1.93
C ASP B 121 -8.41 19.16 -2.47
N ILE B 122 -7.73 18.04 -2.33
CA ILE B 122 -6.36 17.88 -2.79
C ILE B 122 -6.28 16.99 -4.02
N ILE B 123 -7.06 15.93 -4.05
CA ILE B 123 -6.99 15.01 -5.16
C ILE B 123 -7.80 15.55 -6.34
N ASP B 124 -7.56 14.95 -7.51
CA ASP B 124 -8.25 15.37 -8.71
C ASP B 124 -9.72 14.96 -8.64
N PRO B 125 -10.63 15.86 -8.99
CA PRO B 125 -12.07 15.51 -9.02
C PRO B 125 -12.42 14.36 -9.97
N ALA B 126 -11.50 13.91 -10.82
CA ALA B 126 -11.77 12.77 -11.68
C ALA B 126 -11.68 11.44 -10.94
N ASP B 127 -11.03 11.41 -9.78
CA ASP B 127 -10.84 10.18 -9.01
C ASP B 127 -11.79 10.08 -7.82
N HIS B 128 -12.59 11.12 -7.57
CA HIS B 128 -13.40 11.18 -6.36
C HIS B 128 -14.28 9.96 -6.18
N LEU B 129 -14.92 9.51 -7.25
CA LEU B 129 -15.70 8.28 -7.19
C LEU B 129 -14.85 7.13 -6.68
N THR B 130 -13.77 6.84 -7.40
CA THR B 130 -12.95 5.67 -7.09
C THR B 130 -12.52 5.70 -5.63
N VAL B 131 -11.92 6.81 -5.19
CA VAL B 131 -11.53 6.96 -3.79
C VAL B 131 -12.69 6.63 -2.87
N ARG B 132 -13.85 7.25 -3.10
CA ARG B 132 -14.99 7.00 -2.23
C ARG B 132 -15.29 5.51 -2.15
N GLN B 133 -15.27 4.82 -3.31
CA GLN B 133 -15.52 3.38 -3.33
C GLN B 133 -14.68 2.66 -2.28
N GLN B 134 -13.38 2.96 -2.27
CA GLN B 134 -12.45 2.20 -1.42
C GLN B 134 -12.60 2.56 0.05
N LEU B 135 -13.24 3.68 0.35
CA LEU B 135 -13.42 4.09 1.74
C LEU B 135 -14.74 3.63 2.33
N THR B 136 -15.60 3.01 1.53
CA THR B 136 -16.87 2.45 2.01
C THR B 136 -16.92 0.94 1.98
N MET B 137 -16.32 0.31 0.96
CA MET B 137 -16.28 -1.15 0.79
C MET B 137 -16.05 -1.92 2.09
N LEU B 141 -14.01 -3.63 6.99
CA LEU B 141 -13.68 -4.52 8.09
C LEU B 141 -12.30 -5.13 7.87
N ASP B 142 -11.96 -5.34 6.61
CA ASP B 142 -10.64 -5.88 6.24
C ASP B 142 -9.62 -4.75 6.42
N ALA B 143 -8.87 -4.82 7.52
CA ALA B 143 -8.00 -3.69 7.89
C ALA B 143 -6.79 -3.57 6.96
N ASP B 144 -7.07 -3.27 5.69
CA ASP B 144 -6.06 -3.04 4.66
C ASP B 144 -6.75 -2.44 3.45
N ARG B 145 -6.11 -1.45 2.83
CA ARG B 145 -6.70 -0.79 1.66
C ARG B 145 -5.58 -0.11 0.90
N LEU B 146 -5.42 -0.46 -0.37
CA LEU B 146 -4.43 0.19 -1.22
C LEU B 146 -5.07 0.56 -2.55
N PHE B 147 -4.95 1.83 -2.92
CA PHE B 147 -5.58 2.32 -4.14
C PHE B 147 -4.73 3.43 -4.73
N ARG B 148 -4.82 3.57 -6.05
CA ARG B 148 -3.99 4.48 -6.82
C ARG B 148 -4.81 5.69 -7.24
N CYS B 149 -4.22 6.88 -7.09
CA CYS B 149 -4.99 8.12 -7.17
C CYS B 149 -4.11 9.25 -7.67
N ARG B 150 -4.71 10.19 -8.41
CA ARG B 150 -4.03 11.41 -8.83
C ARG B 150 -4.31 12.55 -7.88
N PHE B 151 -3.25 13.22 -7.43
CA PHE B 151 -3.32 14.36 -6.54
C PHE B 151 -3.07 15.64 -7.34
N ASN B 152 -3.68 16.74 -6.91
CA ASN B 152 -3.36 18.01 -7.55
C ASN B 152 -1.90 18.37 -7.27
N THR B 153 -1.26 18.96 -8.27
CA THR B 153 0.16 19.25 -8.21
C THR B 153 0.43 20.73 -8.00
N SER B 154 1.69 21.11 -8.10
CA SER B 154 2.12 22.49 -8.03
C SER B 154 2.14 23.12 -9.43
N LYS B 155 2.08 24.46 -9.45
CA LYS B 155 2.37 25.19 -10.67
C LYS B 155 3.85 25.21 -10.98
N SER B 156 4.70 24.98 -9.96
CA SER B 156 6.14 24.89 -10.19
C SER B 156 6.54 23.56 -10.80
N LEU B 157 5.76 22.50 -10.56
CA LEU B 157 5.99 21.19 -11.15
C LEU B 157 5.02 20.84 -12.28
N ARG B 158 3.93 21.60 -12.43
CA ARG B 158 3.13 21.50 -13.65
C ARG B 158 3.89 22.01 -14.86
N ARG B 159 4.81 22.96 -14.64
CA ARG B 159 5.68 23.45 -15.69
C ARG B 159 6.71 22.42 -16.11
N GLN B 160 6.94 21.40 -15.28
CA GLN B 160 7.98 20.41 -15.51
C GLN B 160 7.48 18.97 -15.58
N SER B 161 6.29 18.69 -15.05
CA SER B 161 5.63 17.40 -15.18
C SER B 161 4.34 17.56 -16.00
N SER B 162 3.92 16.46 -16.61
CA SER B 162 2.86 16.49 -17.63
C SER B 162 1.45 16.59 -17.06
N GLY B 163 1.30 16.88 -15.78
CA GLY B 163 -0.01 17.04 -15.19
C GLY B 163 0.03 16.73 -13.70
N ASN B 164 -1.13 16.28 -13.19
CA ASN B 164 -1.26 15.96 -11.78
C ASN B 164 -0.69 14.58 -11.48
N LYS B 165 -0.01 14.48 -10.34
CA LYS B 165 0.81 13.30 -10.05
C LYS B 165 -0.02 12.08 -9.73
N LEU B 166 0.42 10.93 -10.20
CA LEU B 166 -0.10 9.67 -9.72
C LEU B 166 0.52 9.37 -8.36
N VAL B 167 -0.28 8.79 -7.45
CA VAL B 167 0.20 8.42 -6.13
C VAL B 167 -0.44 7.09 -5.74
N LEU B 168 0.40 6.12 -5.36
CA LEU B 168 -0.09 4.92 -4.71
C LEU B 168 -0.40 5.24 -3.26
N ILE B 169 -1.56 4.79 -2.79
CA ILE B 169 -2.01 5.02 -1.43
C ILE B 169 -2.18 3.67 -0.76
N ARG B 170 -1.30 3.35 0.19
CA ARG B 170 -1.34 2.10 0.94
C ARG B 170 -1.63 2.40 2.41
N GLY B 171 -2.74 1.89 2.92
CA GLY B 171 -3.08 2.16 4.29
C GLY B 171 -4.10 1.19 4.83
N ARG B 172 -4.56 1.48 6.05
CA ARG B 172 -5.50 0.62 6.74
C ARG B 172 -6.39 1.48 7.64
N PHE B 173 -7.62 1.03 7.84
CA PHE B 173 -8.52 1.69 8.77
C PHE B 173 -8.22 1.20 10.18
N HIS B 174 -8.05 2.14 11.11
CA HIS B 174 -7.56 1.83 12.44
C HIS B 174 -8.69 1.76 13.46
N ALA B 175 -8.37 1.23 14.63
CA ALA B 175 -9.31 1.18 15.75
C ALA B 175 -9.61 2.60 16.19
N HIS B 176 -10.84 3.04 15.98
CA HIS B 176 -11.22 4.40 16.34
C HIS B 176 -11.29 4.57 17.85
N PRO B 177 -11.03 5.77 18.36
CA PRO B 177 -11.14 6.03 19.80
C PRO B 177 -12.58 6.24 20.20
N PRO B 178 -12.90 6.12 21.49
CA PRO B 178 -14.27 6.41 21.93
C PRO B 178 -14.57 7.89 21.76
N GLY B 179 -15.63 8.20 21.05
CA GLY B 179 -16.00 9.58 20.81
C GLY B 179 -17.35 9.67 20.15
N ALA B 180 -17.71 10.90 19.77
CA ALA B 180 -18.99 11.16 19.11
C ALA B 180 -18.89 11.15 17.60
N TYR B 181 -17.91 11.86 17.03
CA TYR B 181 -17.66 11.81 15.59
C TYR B 181 -16.78 10.65 15.20
N TRP B 182 -15.92 10.20 16.11
CA TRP B 182 -15.17 8.98 15.86
C TRP B 182 -16.09 7.77 15.81
N ALA B 183 -17.28 7.86 16.42
CA ALA B 183 -18.26 6.79 16.31
C ALA B 183 -18.75 6.67 14.87
N GLY B 184 -18.74 5.44 14.36
CA GLY B 184 -19.13 5.20 12.99
C GLY B 184 -18.21 5.78 11.94
N ASN B 185 -17.12 6.44 12.35
CA ASN B 185 -16.18 7.03 11.40
C ASN B 185 -14.76 6.63 11.81
N PRO B 186 -14.20 5.57 11.21
CA PRO B 186 -12.83 5.18 11.51
C PRO B 186 -11.83 6.11 10.83
N VAL B 187 -10.57 5.95 11.23
CA VAL B 187 -9.49 6.82 10.78
C VAL B 187 -8.54 6.02 9.90
N PHE B 188 -8.27 6.52 8.71
CA PHE B 188 -7.44 5.84 7.73
C PHE B 188 -6.05 6.46 7.73
N THR B 189 -5.04 5.67 8.07
CA THR B 189 -3.65 6.09 8.06
C THR B 189 -2.96 5.43 6.89
N ALA B 190 -2.19 6.20 6.12
CA ALA B 190 -1.68 5.69 4.85
C ALA B 190 -0.32 6.29 4.52
N PHE B 191 0.49 5.47 3.85
CA PHE B 191 1.69 5.92 3.16
C PHE B 191 1.36 6.14 1.69
N CYS B 192 1.70 7.31 1.16
CA CYS B 192 1.31 7.70 -0.19
C CYS B 192 2.56 8.07 -0.96
N ALA B 193 2.90 7.26 -1.96
CA ALA B 193 4.10 7.53 -2.72
C ALA B 193 3.75 7.82 -4.17
N PRO B 194 4.48 8.72 -4.82
CA PRO B 194 4.26 8.97 -6.24
C PRO B 194 4.85 7.87 -7.11
N LEU B 195 4.15 7.58 -8.21
CA LEU B 195 4.56 6.55 -9.15
C LEU B 195 5.11 7.10 -10.45
N GLU B 196 4.99 8.39 -10.70
CA GLU B 196 5.58 9.04 -11.86
C GLU B 196 6.88 9.72 -11.41
N PRO B 197 8.05 9.08 -11.61
CA PRO B 197 9.34 9.50 -11.04
C PRO B 197 9.81 10.89 -11.48
N LEU B 214 11.91 2.76 0.48
CA LEU B 214 12.35 1.89 1.57
C LEU B 214 11.17 1.06 2.08
N PHE B 215 9.98 1.65 2.14
CA PHE B 215 8.73 0.90 2.28
C PHE B 215 8.10 0.55 0.94
N LEU B 216 8.54 1.19 -0.15
CA LEU B 216 7.88 1.08 -1.44
C LEU B 216 8.53 -0.06 -2.22
N ALA B 217 7.99 -1.27 -2.02
CA ALA B 217 8.57 -2.45 -2.64
C ALA B 217 8.49 -2.37 -4.16
N MET B 218 9.65 -2.35 -4.82
CA MET B 218 9.70 -2.39 -6.28
C MET B 218 10.89 -3.20 -6.76
N PHE B 219 10.63 -4.12 -7.68
CA PHE B 219 11.63 -4.63 -8.61
C PHE B 219 11.20 -4.24 -10.01
N GLN B 220 12.14 -3.76 -10.81
CA GLN B 220 11.85 -3.24 -12.13
C GLN B 220 12.36 -4.21 -13.19
N SER B 221 11.73 -4.17 -14.37
CA SER B 221 12.05 -5.13 -15.42
C SER B 221 11.99 -4.47 -16.79
N ARG B 222 12.71 -5.08 -17.74
CA ARG B 222 12.76 -4.64 -19.13
C ARG B 222 12.35 -5.81 -20.01
N HIS B 223 11.29 -5.60 -20.79
CA HIS B 223 10.70 -6.61 -21.66
C HIS B 223 10.76 -6.15 -23.11
N ALA B 224 10.86 -7.15 -23.99
CA ALA B 224 10.76 -6.94 -25.44
C ALA B 224 9.30 -6.95 -25.87
N LYS B 225 9.08 -6.86 -27.17
CA LYS B 225 7.73 -6.73 -27.73
C LYS B 225 6.88 -7.99 -27.58
N ASP B 226 7.34 -9.03 -26.87
CA ASP B 226 6.50 -10.18 -26.57
C ASP B 226 6.57 -10.51 -25.08
N LEU B 227 6.87 -9.50 -24.26
CA LEU B 227 6.98 -9.64 -22.81
C LEU B 227 7.88 -10.82 -22.44
N ALA B 228 9.11 -10.76 -22.93
CA ALA B 228 10.17 -11.64 -22.49
C ALA B 228 11.16 -10.83 -21.67
N LEU B 229 11.61 -11.39 -20.56
CA LEU B 229 12.43 -10.63 -19.62
C LEU B 229 13.83 -10.41 -20.15
N LEU B 230 14.01 -9.32 -20.90
CA LEU B 230 15.35 -8.93 -21.32
C LEU B 230 16.22 -8.58 -20.13
N ASP B 231 15.63 -8.00 -19.09
CA ASP B 231 16.40 -7.71 -17.88
C ASP B 231 15.45 -7.55 -16.72
N VAL B 232 15.98 -7.63 -15.50
CA VAL B 232 15.19 -7.41 -14.30
C VAL B 232 16.10 -6.81 -13.22
N SER B 233 15.50 -6.08 -12.29
CA SER B 233 16.23 -5.59 -11.14
C SER B 233 16.62 -6.75 -10.24
N GLU B 234 17.70 -6.57 -9.49
CA GLU B 234 18.21 -7.67 -8.67
C GLU B 234 17.46 -7.82 -7.34
N SER B 235 16.57 -6.90 -7.01
CA SER B 235 15.71 -7.10 -5.85
C SER B 235 14.60 -8.12 -6.08
N VAL B 236 14.49 -8.66 -7.30
CA VAL B 236 13.46 -9.65 -7.60
C VAL B 236 13.66 -10.90 -6.75
N LEU B 237 14.92 -11.25 -6.48
CA LEU B 237 15.24 -12.42 -5.65
C LEU B 237 14.54 -12.36 -4.31
N ILE B 238 14.29 -11.16 -3.80
CA ILE B 238 13.65 -11.00 -2.50
C ILE B 238 12.17 -11.34 -2.58
N TYR B 239 11.53 -10.98 -3.70
CA TYR B 239 10.08 -11.10 -3.83
C TYR B 239 9.65 -12.23 -4.74
N LEU B 240 10.57 -12.91 -5.40
CA LEU B 240 10.23 -14.07 -6.22
C LEU B 240 11.08 -15.31 -5.94
N GLY B 241 12.22 -15.18 -5.27
CA GLY B 241 13.11 -16.30 -5.07
C GLY B 241 14.01 -16.63 -6.24
N PHE B 242 13.78 -16.01 -7.39
CA PHE B 242 14.62 -16.21 -8.57
C PHE B 242 15.73 -15.17 -8.59
N GLU B 243 16.97 -15.62 -8.81
CA GLU B 243 18.03 -14.68 -9.15
C GLU B 243 17.78 -14.12 -10.54
N ARG B 244 18.37 -12.94 -10.81
CA ARG B 244 18.23 -12.35 -12.13
C ARG B 244 18.76 -13.31 -13.19
N SER B 245 19.71 -14.18 -12.81
CA SER B 245 20.32 -15.11 -13.75
C SER B 245 19.30 -16.09 -14.31
N GLU B 246 18.36 -16.54 -13.49
CA GLU B 246 17.44 -17.59 -13.89
C GLU B 246 16.22 -17.06 -14.63
N LEU B 247 16.05 -15.74 -14.72
CA LEU B 247 14.85 -15.15 -15.29
C LEU B 247 15.04 -14.56 -16.68
N LEU B 248 16.27 -14.20 -17.05
CA LEU B 248 16.51 -13.60 -18.35
C LEU B 248 15.90 -14.42 -19.46
N CYS B 249 15.29 -13.72 -20.43
CA CYS B 249 14.71 -14.29 -21.65
C CYS B 249 13.58 -15.29 -21.38
N LYS B 250 13.14 -15.44 -20.14
CA LYS B 250 11.97 -16.25 -19.90
C LYS B 250 10.71 -15.47 -20.25
N SER B 251 9.68 -16.18 -20.72
CA SER B 251 8.44 -15.55 -21.15
C SER B 251 7.62 -15.12 -19.94
N TRP B 252 7.19 -13.86 -19.94
CA TRP B 252 6.45 -13.34 -18.79
C TRP B 252 5.13 -14.07 -18.61
N TYR B 253 4.49 -14.47 -19.71
CA TYR B 253 3.29 -15.30 -19.61
C TYR B 253 3.59 -16.66 -18.99
N GLY B 254 4.86 -17.04 -18.92
CA GLY B 254 5.29 -18.23 -18.21
C GLY B 254 5.49 -18.03 -16.73
N LEU B 255 5.35 -16.80 -16.24
CA LEU B 255 5.40 -16.52 -14.82
C LEU B 255 4.02 -16.18 -14.24
N LEU B 256 3.01 -16.09 -15.08
CA LEU B 256 1.67 -15.63 -14.71
C LEU B 256 0.83 -16.79 -14.18
N HIS B 257 -0.27 -16.42 -13.51
CA HIS B 257 -1.29 -17.36 -13.06
C HIS B 257 -2.36 -17.48 -14.13
N PRO B 258 -2.75 -18.70 -14.51
CA PRO B 258 -3.66 -18.86 -15.66
C PRO B 258 -4.97 -18.10 -15.55
N GLU B 259 -5.37 -17.67 -14.36
CA GLU B 259 -6.58 -16.87 -14.24
C GLU B 259 -6.36 -15.46 -14.76
N ASP B 260 -5.19 -14.86 -14.46
CA ASP B 260 -4.89 -13.52 -14.92
C ASP B 260 -4.45 -13.49 -16.39
N LEU B 261 -4.58 -14.60 -17.11
CA LEU B 261 -4.15 -14.65 -18.51
C LEU B 261 -4.79 -13.55 -19.33
N ALA B 262 -6.12 -13.50 -19.34
CA ALA B 262 -6.84 -12.58 -20.22
C ALA B 262 -6.51 -11.12 -19.90
N GLN B 263 -6.40 -10.77 -18.62
CA GLN B 263 -6.07 -9.40 -18.23
C GLN B 263 -4.73 -8.97 -18.83
N ALA B 264 -3.69 -9.78 -18.63
CA ALA B 264 -2.37 -9.45 -19.17
C ALA B 264 -2.39 -9.45 -20.68
N SER B 265 -3.15 -10.36 -21.30
CA SER B 265 -3.17 -10.41 -22.76
C SER B 265 -3.80 -9.17 -23.35
N SER B 266 -4.92 -8.69 -22.79
CA SER B 266 -5.55 -7.50 -23.33
C SER B 266 -4.71 -6.26 -23.05
N GLN B 267 -4.08 -6.18 -21.87
CA GLN B 267 -3.17 -5.07 -21.61
C GLN B 267 -1.96 -5.11 -22.54
N HIS B 268 -1.53 -6.30 -22.96
CA HIS B 268 -0.43 -6.41 -23.89
C HIS B 268 -0.84 -5.96 -25.28
N TYR B 269 -2.08 -6.30 -25.69
CA TYR B 269 -2.63 -5.78 -26.92
C TYR B 269 -2.65 -4.26 -26.91
N ARG B 270 -3.23 -3.66 -25.86
CA ARG B 270 -3.27 -2.20 -25.75
C ARG B 270 -1.86 -1.61 -25.81
N LEU B 271 -0.91 -2.25 -25.12
CA LEU B 271 0.47 -1.77 -25.12
C LEU B 271 1.11 -1.84 -26.51
N LEU B 272 0.58 -2.68 -27.39
CA LEU B 272 1.09 -2.85 -28.74
C LEU B 272 0.06 -2.26 -29.71
N ALA B 273 0.19 -0.96 -29.98
CA ALA B 273 -0.72 -0.25 -30.85
C ALA B 273 0.08 0.50 -31.92
N GLU B 274 -0.64 1.21 -32.79
CA GLU B 274 0.01 1.98 -33.85
C GLU B 274 0.53 3.29 -33.30
N SER B 275 1.22 3.22 -32.17
CA SER B 275 1.90 4.34 -31.52
C SER B 275 2.62 3.81 -30.29
N GLY B 276 3.38 4.67 -29.62
CA GLY B 276 3.99 4.27 -28.37
C GLY B 276 3.57 5.12 -27.20
N ASP B 277 4.34 5.05 -26.12
CA ASP B 277 4.19 5.93 -24.96
C ASP B 277 2.85 5.74 -24.27
N ILE B 278 2.44 4.48 -24.08
CA ILE B 278 1.18 4.14 -23.44
C ILE B 278 1.48 3.47 -22.11
N GLN B 279 0.88 3.99 -21.03
CA GLN B 279 0.90 3.31 -19.75
C GLN B 279 -0.10 2.15 -19.77
N ALA B 280 0.30 1.03 -19.15
CA ALA B 280 -0.55 -0.14 -19.04
C ALA B 280 -0.53 -0.59 -17.59
N GLU B 281 -1.68 -0.53 -16.94
CA GLU B 281 -1.81 -0.95 -15.55
C GLU B 281 -2.39 -2.35 -15.50
N MET B 282 -1.91 -3.14 -14.55
CA MET B 282 -2.45 -4.48 -14.36
C MET B 282 -2.03 -4.96 -12.97
N VAL B 283 -2.94 -5.66 -12.30
CA VAL B 283 -2.63 -6.39 -11.09
C VAL B 283 -2.67 -7.87 -11.44
N VAL B 284 -1.53 -8.55 -11.24
CA VAL B 284 -1.37 -9.94 -11.63
C VAL B 284 -0.76 -10.71 -10.48
N ARG B 285 -0.65 -12.02 -10.66
CA ARG B 285 0.13 -12.89 -9.79
C ARG B 285 1.31 -13.46 -10.56
N LEU B 286 2.45 -13.55 -9.90
CA LEU B 286 3.62 -14.23 -10.46
C LEU B 286 3.97 -15.41 -9.56
N GLN B 287 4.51 -16.47 -10.17
CA GLN B 287 4.89 -17.63 -9.39
C GLN B 287 6.32 -17.47 -8.90
N ALA B 288 6.52 -17.64 -7.60
CA ALA B 288 7.84 -17.50 -7.01
C ALA B 288 8.66 -18.75 -7.28
N LYS B 289 9.93 -18.73 -6.84
CA LYS B 289 10.80 -19.89 -7.04
C LYS B 289 10.18 -21.13 -6.41
N HIS B 290 9.94 -21.09 -5.11
CA HIS B 290 9.38 -22.25 -4.43
C HIS B 290 7.88 -22.42 -4.68
N GLY B 291 7.25 -21.53 -5.45
CA GLY B 291 5.91 -21.77 -5.96
C GLY B 291 4.78 -20.99 -5.32
N GLY B 292 5.06 -20.14 -4.34
CA GLY B 292 4.02 -19.28 -3.79
C GLY B 292 3.73 -18.15 -4.76
N TRP B 293 2.45 -17.77 -4.85
CA TRP B 293 2.04 -16.72 -5.77
C TRP B 293 2.11 -15.36 -5.11
N THR B 294 2.81 -14.44 -5.79
CA THR B 294 3.09 -13.10 -5.29
C THR B 294 2.26 -12.09 -6.07
N TRP B 295 1.57 -11.21 -5.36
CA TRP B 295 0.71 -10.22 -5.97
C TRP B 295 1.55 -9.04 -6.47
N ILE B 296 1.50 -8.78 -7.77
CA ILE B 296 2.31 -7.74 -8.41
C ILE B 296 1.39 -6.77 -9.12
N TYR B 297 1.35 -5.53 -8.64
CA TYR B 297 0.83 -4.40 -9.40
C TYR B 297 1.88 -3.99 -10.43
N CYS B 298 1.54 -4.10 -11.70
CA CYS B 298 2.52 -3.96 -12.77
C CYS B 298 2.16 -2.76 -13.62
N MET B 299 3.05 -1.76 -13.63
CA MET B 299 2.93 -0.57 -14.48
C MET B 299 3.88 -0.75 -15.64
N LEU B 300 3.35 -1.07 -16.82
CA LEU B 300 4.15 -1.16 -18.03
C LEU B 300 4.02 0.12 -18.82
N TYR B 301 5.16 0.73 -19.17
CA TYR B 301 5.15 1.84 -20.10
C TYR B 301 6.14 1.58 -21.23
N SER B 302 5.91 2.27 -22.34
CA SER B 302 6.75 2.17 -23.53
C SER B 302 7.71 3.35 -23.55
N GLU B 303 9.00 3.08 -23.36
CA GLU B 303 10.03 4.11 -23.44
C GLU B 303 10.41 4.33 -24.91
N GLY B 304 9.41 4.51 -25.76
CA GLY B 304 9.62 4.63 -27.19
C GLY B 304 8.59 3.86 -27.97
N PRO B 305 8.14 4.42 -29.09
CA PRO B 305 7.17 3.71 -29.95
C PRO B 305 7.83 2.52 -30.64
N GLU B 306 7.36 1.32 -30.31
CA GLU B 306 7.96 0.08 -30.81
C GLU B 306 9.44 0.00 -30.45
N GLY B 307 9.78 0.50 -29.26
CA GLY B 307 11.12 0.40 -28.74
C GLY B 307 11.20 -0.56 -27.58
N PRO B 308 11.56 -0.06 -26.40
CA PRO B 308 11.66 -0.91 -25.21
C PRO B 308 10.35 -0.94 -24.40
N ILE B 309 10.22 -1.99 -23.59
CA ILE B 309 9.14 -2.10 -22.62
C ILE B 309 9.77 -2.04 -21.22
N THR B 310 9.31 -1.10 -20.38
CA THR B 310 9.83 -0.97 -19.02
C THR B 310 8.68 -1.08 -18.03
N ALA B 311 8.83 -1.99 -17.06
CA ALA B 311 7.75 -2.34 -16.13
C ALA B 311 8.20 -2.11 -14.70
N ASN B 312 7.43 -1.30 -13.98
CA ASN B 312 7.55 -1.19 -12.53
C ASN B 312 6.67 -2.24 -11.88
N ASN B 313 7.25 -3.05 -11.01
CA ASN B 313 6.50 -4.08 -10.30
C ASN B 313 6.41 -3.70 -8.84
N TYR B 314 5.21 -3.83 -8.27
CA TYR B 314 4.96 -3.45 -6.88
C TYR B 314 4.33 -4.65 -6.18
N PRO B 315 5.06 -5.33 -5.30
CA PRO B 315 4.44 -6.41 -4.54
C PRO B 315 3.44 -5.87 -3.52
N ILE B 316 2.32 -6.57 -3.40
CA ILE B 316 1.21 -6.18 -2.54
C ILE B 316 0.61 -7.43 -1.91
N SER B 317 -0.32 -7.21 -0.98
CA SER B 317 -1.07 -8.28 -0.35
C SER B 317 -2.40 -8.47 -1.07
N ASP B 318 -3.00 -9.63 -0.85
CA ASP B 318 -4.25 -9.97 -1.51
C ASP B 318 -5.35 -8.94 -1.25
N THR B 319 -5.38 -8.37 -0.05
CA THR B 319 -6.33 -7.29 0.22
C THR B 319 -6.05 -6.09 -0.68
N GLU B 320 -4.77 -5.68 -0.73
CA GLU B 320 -4.38 -4.54 -1.55
C GLU B 320 -4.58 -4.82 -3.03
N ALA B 321 -4.30 -6.05 -3.45
CA ALA B 321 -4.57 -6.43 -4.83
C ALA B 321 -6.06 -6.33 -5.15
N TRP B 322 -6.91 -6.78 -4.23
CA TRP B 322 -8.35 -6.70 -4.46
C TRP B 322 -8.80 -5.25 -4.56
N SER B 323 -8.32 -4.39 -3.67
CA SER B 323 -8.68 -2.97 -3.71
C SER B 323 -8.28 -2.34 -5.05
N LEU B 324 -7.02 -2.54 -5.45
CA LEU B 324 -6.54 -1.94 -6.70
C LEU B 324 -7.27 -2.52 -7.91
N ARG B 325 -7.68 -3.80 -7.85
CA ARG B 325 -8.47 -4.36 -8.93
C ARG B 325 -9.84 -3.69 -9.00
N GLN B 326 -10.47 -3.44 -7.86
CA GLN B 326 -11.74 -2.73 -7.88
C GLN B 326 -11.58 -1.35 -8.50
N GLN B 327 -10.52 -0.63 -8.12
CA GLN B 327 -10.14 0.61 -8.80
C GLN B 327 -10.14 0.45 -10.32
N LEU B 328 -9.29 -0.44 -10.83
CA LEU B 328 -9.11 -0.51 -12.27
C LEU B 328 -10.35 -1.01 -12.97
N ASN B 329 -11.14 -1.86 -12.33
CA ASN B 329 -12.41 -2.32 -12.90
C ASN B 329 -13.37 -1.15 -13.08
N SER B 330 -13.52 -0.34 -12.04
CA SER B 330 -14.38 0.83 -12.14
C SER B 330 -13.86 1.81 -13.19
N GLU B 331 -12.53 1.91 -13.33
CA GLU B 331 -11.97 2.85 -14.30
C GLU B 331 -12.25 2.41 -15.73
N ASP B 332 -11.97 1.14 -16.05
CA ASP B 332 -12.30 0.62 -17.37
C ASP B 332 -13.79 0.62 -17.62
N THR B 333 -14.60 0.54 -16.56
CA THR B 333 -16.05 0.64 -16.73
C THR B 333 -16.46 2.03 -17.18
N GLN B 334 -15.82 3.06 -16.64
CA GLN B 334 -16.17 4.44 -16.93
C GLN B 334 -15.41 5.03 -18.11
N ALA B 335 -14.78 4.20 -18.93
CA ALA B 335 -14.05 4.69 -20.10
C ALA B 335 -15.03 5.00 -21.23
#